data_2ODH
#
_entry.id   2ODH
#
_cell.length_a   68.176
_cell.length_b   68.176
_cell.length_c   127.207
_cell.angle_alpha   90.00
_cell.angle_beta   90.00
_cell.angle_gamma   90.00
#
_symmetry.space_group_name_H-M   'P 41 21 2'
#
loop_
_entity.id
_entity.type
_entity.pdbx_description
1 polymer R.BcnI
2 non-polymer 'ACETATE ION'
3 non-polymer DI(HYDROXYETHYL)ETHER
4 water water
#
_entity_poly.entity_id   1
_entity_poly.type   'polypeptide(L)'
_entity_poly.pdbx_seq_one_letter_code
;MKIWSKEEVVNKLHEIKNKGYLSVPTDMFRTDDGVVGQILERQFGVQENNITLGDLGEFELKGMRNRKAKSNLTLFHKKP
VAGQTVIQIFNRFGYVKPSSRNPEVMKKKLFTTIKGGRLNNLGLTLNAKHASEINLYYQDEYLSTWDLNLSKIEKLVLVF
AETIGRANSPEEQFHFTKAYMLTEINDITSLINDGVLVMDLCIDQDLSKSKGPHDRGPHLRIPISKLDKLYRNIERLL
;
_entity_poly.pdbx_strand_id   A
#
loop_
_chem_comp.id
_chem_comp.type
_chem_comp.name
_chem_comp.formula
ACT non-polymer 'ACETATE ION' 'C2 H3 O2 -1'
PEG non-polymer DI(HYDROXYETHYL)ETHER 'C4 H10 O3'
#
# COMPACT_ATOMS: atom_id res chain seq x y z
N MET A 1 4.72 9.79 24.14
CA MET A 1 4.72 9.97 22.67
C MET A 1 4.25 11.39 22.35
N LYS A 2 4.77 11.93 21.27
CA LYS A 2 4.34 13.22 20.75
C LYS A 2 2.87 13.19 20.31
N ILE A 3 2.13 14.19 20.75
CA ILE A 3 0.77 14.43 20.32
C ILE A 3 0.77 15.65 19.40
N TRP A 4 0.20 15.52 18.21
CA TRP A 4 0.11 16.60 17.25
C TRP A 4 -1.25 17.28 17.32
N SER A 5 -1.32 18.51 16.84
CA SER A 5 -2.62 19.09 16.53
C SER A 5 -2.80 19.13 15.03
N LYS A 6 -4.04 19.26 14.59
CA LYS A 6 -4.30 19.43 13.17
C LYS A 6 -3.59 20.65 12.60
N GLU A 7 -3.62 21.78 13.32
CA GLU A 7 -2.92 22.97 12.87
C GLU A 7 -1.41 22.74 12.73
N GLU A 8 -0.84 21.99 13.67
CA GLU A 8 0.57 21.60 13.57
C GLU A 8 0.87 20.78 12.32
N VAL A 9 -0.04 19.85 12.00
CA VAL A 9 0.12 19.07 10.77
C VAL A 9 0.11 19.95 9.52
N VAL A 10 -0.88 20.83 9.45
CA VAL A 10 -0.96 21.75 8.33
C VAL A 10 0.26 22.64 8.24
N ASN A 11 0.72 23.15 9.39
CA ASN A 11 1.93 23.98 9.36
C ASN A 11 3.15 23.18 8.88
N LYS A 12 3.26 21.92 9.29
CA LYS A 12 4.38 21.09 8.88
C LYS A 12 4.33 20.87 7.36
N LEU A 13 3.14 20.61 6.86
CA LEU A 13 2.96 20.39 5.41
C LEU A 13 3.44 21.62 4.63
N HIS A 14 3.07 22.81 5.09
CA HIS A 14 3.58 24.02 4.44
C HIS A 14 5.07 24.16 4.57
N GLU A 15 5.61 23.88 5.75
CA GLU A 15 7.05 23.92 5.95
C GLU A 15 7.78 23.03 4.95
N ILE A 16 7.29 21.83 4.78
CA ILE A 16 7.90 20.90 3.84
C ILE A 16 7.77 21.39 2.41
N LYS A 17 6.59 21.82 2.01
CA LYS A 17 6.39 22.35 0.64
C LYS A 17 7.34 23.53 0.37
N ASN A 18 7.55 24.36 1.38
CA ASN A 18 8.38 25.56 1.19
C ASN A 18 9.87 25.26 1.01
N LYS A 19 10.30 24.04 1.32
CA LYS A 19 11.67 23.62 1.12
C LYS A 19 12.01 23.33 -0.34
N GLY A 20 11.00 23.22 -1.17
CA GLY A 20 11.15 22.85 -2.56
C GLY A 20 11.53 21.39 -2.74
N TYR A 21 12.31 21.11 -3.77
CA TYR A 21 12.67 19.74 -4.12
C TYR A 21 13.75 19.18 -3.19
N LEU A 22 13.42 18.07 -2.54
CA LEU A 22 14.25 17.39 -1.55
C LEU A 22 14.94 16.18 -2.14
N SER A 23 16.20 15.97 -1.77
CA SER A 23 16.94 14.81 -2.22
C SER A 23 16.74 13.63 -1.27
N VAL A 24 17.16 12.46 -1.73
CA VAL A 24 17.08 11.24 -0.94
C VAL A 24 18.27 11.23 -0.01
N PRO A 25 18.03 11.22 1.30
CA PRO A 25 19.15 11.14 2.25
C PRO A 25 19.92 9.83 2.09
N THR A 26 21.24 9.90 2.11
CA THR A 26 22.07 8.70 1.87
C THR A 26 22.19 7.84 3.13
N ASP A 27 22.00 8.44 4.30
CA ASP A 27 22.07 7.70 5.56
C ASP A 27 20.81 6.86 5.78
N MET A 28 19.85 6.95 4.86
CA MET A 28 18.60 6.23 4.93
C MET A 28 18.70 4.90 4.22
N PHE A 29 18.47 3.83 4.97
CA PHE A 29 18.34 2.52 4.35
C PHE A 29 17.08 2.43 3.49
N ARG A 30 17.23 1.88 2.29
CA ARG A 30 16.16 1.82 1.29
C ARG A 30 16.04 0.43 0.68
N THR A 31 14.80 -0.01 0.47
CA THR A 31 14.52 -1.18 -0.38
C THR A 31 14.11 -0.69 -1.79
N ASP A 32 13.43 -1.56 -2.55
N ASP A 32 13.42 -1.53 -2.56
CA ASP A 32 12.96 -1.22 -3.90
CA ASP A 32 13.01 -1.13 -3.91
C ASP A 32 11.80 -0.23 -3.93
C ASP A 32 11.81 -0.18 -3.92
N ASP A 33 11.13 -0.06 -2.78
CA ASP A 33 9.88 0.68 -2.71
C ASP A 33 9.79 1.50 -1.41
N GLY A 34 8.90 2.48 -1.41
CA GLY A 34 8.52 3.17 -0.20
C GLY A 34 9.32 4.43 0.08
N VAL A 35 10.18 4.84 -0.84
CA VAL A 35 11.06 5.99 -0.58
C VAL A 35 10.28 7.28 -0.29
N VAL A 36 9.16 7.49 -0.97
CA VAL A 36 8.39 8.71 -0.76
C VAL A 36 7.93 8.81 0.70
N GLY A 37 7.37 7.74 1.24
CA GLY A 37 6.91 7.70 2.60
C GLY A 37 8.05 7.84 3.58
N GLN A 38 9.20 7.28 3.26
CA GLN A 38 10.36 7.39 4.11
C GLN A 38 10.80 8.84 4.26
N ILE A 39 10.82 9.55 3.14
CA ILE A 39 11.21 10.94 3.16
C ILE A 39 10.15 11.75 3.90
N LEU A 40 8.88 11.45 3.67
CA LEU A 40 7.81 12.18 4.33
C LEU A 40 7.92 12.05 5.86
N GLU A 41 8.16 10.84 6.34
CA GLU A 41 8.29 10.57 7.77
C GLU A 41 9.49 11.35 8.32
N ARG A 42 10.62 11.33 7.60
N ARG A 42 10.61 11.34 7.60
CA ARG A 42 11.80 12.08 8.01
CA ARG A 42 11.80 12.09 8.03
C ARG A 42 11.49 13.57 8.13
C ARG A 42 11.48 13.58 8.14
N GLN A 43 10.74 14.08 7.17
CA GLN A 43 10.36 15.51 7.18
C GLN A 43 9.39 15.84 8.29
N PHE A 44 8.53 14.91 8.70
CA PHE A 44 7.69 15.09 9.87
C PHE A 44 8.43 14.89 11.18
N GLY A 45 9.66 14.36 11.12
CA GLY A 45 10.46 14.11 12.30
C GLY A 45 10.07 12.87 13.06
N VAL A 46 9.54 11.86 12.39
CA VAL A 46 8.97 10.69 13.06
C VAL A 46 9.61 9.43 12.50
N GLN A 47 9.50 8.33 13.25
CA GLN A 47 10.16 7.09 12.80
C GLN A 47 9.17 6.01 12.45
N GLU A 48 7.90 6.37 12.33
CA GLU A 48 6.90 5.41 11.88
C GLU A 48 5.89 6.10 11.00
N ASN A 49 5.05 5.30 10.36
CA ASN A 49 4.12 5.75 9.31
C ASN A 49 2.77 6.20 9.88
N ASN A 50 2.80 6.75 11.08
CA ASN A 50 1.58 7.23 11.70
C ASN A 50 1.88 8.28 12.75
N ILE A 51 0.88 9.10 13.02
CA ILE A 51 0.95 10.16 14.06
C ILE A 51 -0.37 10.30 14.79
N THR A 52 -0.34 10.70 16.06
CA THR A 52 -1.56 10.83 16.84
C THR A 52 -1.92 12.30 16.96
N LEU A 53 -3.15 12.67 16.61
CA LEU A 53 -3.65 14.03 16.69
C LEU A 53 -4.58 14.11 17.89
N GLY A 54 -4.35 15.08 18.76
CA GLY A 54 -5.20 15.33 19.94
C GLY A 54 -6.48 14.53 20.16
N ASP A 55 -7.63 15.16 19.94
CA ASP A 55 -8.92 14.48 20.13
C ASP A 55 -9.35 13.70 18.88
N LEU A 56 -8.63 13.90 17.77
CA LEU A 56 -8.98 13.31 16.47
C LEU A 56 -8.50 11.88 16.25
N GLY A 57 -7.51 11.44 17.03
CA GLY A 57 -7.04 10.06 17.01
C GLY A 57 -5.80 9.80 16.17
N GLU A 58 -5.56 8.53 15.83
CA GLU A 58 -4.33 8.08 15.16
C GLU A 58 -4.52 8.07 13.64
N PHE A 59 -3.59 8.72 12.92
CA PHE A 59 -3.65 8.86 11.47
C PHE A 59 -2.45 8.20 10.82
N GLU A 60 -2.65 7.45 9.75
CA GLU A 60 -1.51 6.99 8.97
C GLU A 60 -0.99 8.14 8.14
N LEU A 61 0.31 8.18 7.95
CA LEU A 61 0.98 9.21 7.19
C LEU A 61 1.55 8.50 5.97
N LYS A 62 1.05 8.82 4.77
CA LYS A 62 1.42 8.13 3.54
C LYS A 62 1.81 9.13 2.46
N GLY A 63 2.82 8.78 1.68
CA GLY A 63 3.31 9.60 0.59
C GLY A 63 3.27 8.89 -0.72
N MET A 64 2.94 9.64 -1.77
CA MET A 64 2.85 9.13 -3.13
C MET A 64 3.36 10.13 -4.13
N ARG A 65 3.90 9.66 -5.24
CA ARG A 65 4.19 10.51 -6.39
C ARG A 65 2.91 10.97 -7.05
N ASN A 66 2.86 12.22 -7.45
CA ASN A 66 1.74 12.76 -8.20
C ASN A 66 1.89 12.33 -9.67
N ARG A 67 0.85 11.70 -10.21
N ARG A 67 0.85 11.70 -10.21
CA ARG A 67 0.85 11.20 -11.59
CA ARG A 67 0.84 11.20 -11.59
C ARG A 67 -0.49 11.47 -12.24
C ARG A 67 -0.50 11.47 -12.24
N LYS A 68 -0.48 11.76 -13.53
CA LYS A 68 -1.73 11.90 -14.28
C LYS A 68 -2.28 10.50 -14.54
N ALA A 69 -1.35 9.57 -14.86
CA ALA A 69 -1.74 8.19 -15.08
C ALA A 69 -2.21 7.58 -13.77
N LYS A 70 -2.89 6.46 -13.88
CA LYS A 70 -3.37 5.72 -12.73
C LYS A 70 -2.25 5.32 -11.75
N SER A 71 -2.59 5.37 -10.47
CA SER A 71 -1.70 4.94 -9.39
C SER A 71 -2.55 4.35 -8.27
N ASN A 72 -1.92 3.62 -7.36
CA ASN A 72 -2.62 2.90 -6.28
C ASN A 72 -2.08 3.23 -4.92
N LEU A 73 -2.99 3.37 -3.98
CA LEU A 73 -2.62 3.47 -2.57
C LEU A 73 -2.55 2.07 -1.96
N THR A 74 -1.49 1.78 -1.24
CA THR A 74 -1.38 0.50 -0.54
C THR A 74 -2.04 0.60 0.83
N LEU A 75 -2.97 -0.32 1.09
CA LEU A 75 -3.69 -0.41 2.36
C LEU A 75 -3.04 -1.39 3.33
N PHE A 76 -2.50 -2.48 2.81
CA PHE A 76 -1.68 -3.34 3.63
C PHE A 76 -0.61 -4.07 2.83
N HIS A 77 0.42 -4.50 3.54
CA HIS A 77 1.53 -5.24 2.99
C HIS A 77 1.91 -6.28 4.02
N LYS A 78 1.31 -7.47 3.91
CA LYS A 78 1.43 -8.46 4.97
C LYS A 78 0.95 -9.86 4.56
N LYS A 79 1.33 -10.83 5.38
CA LYS A 79 0.99 -12.23 5.19
C LYS A 79 -0.41 -12.50 5.69
N PRO A 80 -1.01 -13.60 5.22
CA PRO A 80 -2.29 -14.03 5.77
C PRO A 80 -2.09 -14.44 7.23
N VAL A 81 -3.17 -14.38 8.00
CA VAL A 81 -3.13 -14.81 9.40
C VAL A 81 -3.70 -16.21 9.59
N ALA A 82 -4.41 -16.72 8.60
CA ALA A 82 -4.95 -18.07 8.67
C ALA A 82 -5.01 -18.72 7.29
N GLY A 83 -5.06 -20.05 7.27
CA GLY A 83 -5.14 -20.78 6.02
C GLY A 83 -3.76 -20.95 5.42
N GLN A 84 -3.78 -21.15 4.05
CA GLN A 84 -2.57 -21.46 3.30
C GLN A 84 -1.63 -20.28 3.35
N THR A 85 -0.33 -20.57 3.51
CA THR A 85 0.68 -19.51 3.47
C THR A 85 0.87 -19.09 2.03
N VAL A 86 1.56 -17.97 1.85
CA VAL A 86 1.84 -17.46 0.52
C VAL A 86 2.65 -18.48 -0.27
N ILE A 87 3.54 -19.19 0.42
CA ILE A 87 4.36 -20.21 -0.23
C ILE A 87 3.52 -21.43 -0.64
N GLN A 88 2.54 -21.82 0.17
CA GLN A 88 1.66 -22.94 -0.18
C GLN A 88 0.72 -22.58 -1.34
N ILE A 89 0.40 -21.30 -1.48
CA ILE A 89 -0.39 -20.83 -2.61
C ILE A 89 0.50 -20.86 -3.85
N PHE A 90 1.75 -20.43 -3.68
CA PHE A 90 2.72 -20.33 -4.76
C PHE A 90 3.06 -21.72 -5.32
N ASN A 91 3.27 -22.66 -4.41
CA ASN A 91 3.61 -24.04 -4.78
C ASN A 91 2.51 -24.65 -5.65
N ARG A 92 1.27 -24.38 -5.28
CA ARG A 92 0.11 -24.96 -5.95
C ARG A 92 -0.27 -24.26 -7.26
N PHE A 93 -0.31 -22.93 -7.25
CA PHE A 93 -0.86 -22.15 -8.37
C PHE A 93 0.20 -21.51 -9.27
N GLY A 94 1.46 -21.55 -8.86
CA GLY A 94 2.55 -21.02 -9.66
C GLY A 94 2.84 -21.91 -10.86
N TYR A 95 3.51 -21.34 -11.87
CA TYR A 95 3.82 -22.08 -13.11
C TYR A 95 5.31 -22.02 -13.44
N VAL A 96 5.77 -23.02 -14.20
CA VAL A 96 7.19 -23.16 -14.52
C VAL A 96 7.51 -22.78 -15.97
N LYS A 97 8.68 -22.17 -16.16
CA LYS A 97 9.18 -21.73 -17.47
C LYS A 97 10.71 -21.66 -17.45
N PRO A 98 11.37 -21.69 -18.61
CA PRO A 98 12.85 -21.76 -18.65
C PRO A 98 13.53 -20.39 -18.64
N GLU A 104 17.65 -23.48 -20.52
CA GLU A 104 18.57 -22.82 -19.60
C GLU A 104 18.50 -23.39 -18.17
N VAL A 105 17.28 -23.60 -17.67
CA VAL A 105 16.97 -24.27 -16.39
C VAL A 105 15.87 -23.50 -15.65
N MET A 106 15.05 -24.24 -14.89
CA MET A 106 13.69 -23.81 -14.49
C MET A 106 13.59 -22.64 -13.49
N LYS A 107 12.53 -21.85 -13.67
CA LYS A 107 12.11 -20.81 -12.71
C LYS A 107 10.58 -20.89 -12.55
N LYS A 108 10.09 -20.79 -11.32
CA LYS A 108 8.66 -20.88 -11.03
C LYS A 108 8.13 -19.52 -10.58
N LYS A 109 6.87 -19.22 -10.92
CA LYS A 109 6.35 -17.86 -10.78
C LYS A 109 4.85 -17.83 -10.46
N LEU A 110 4.46 -16.95 -9.53
CA LEU A 110 3.06 -16.57 -9.35
C LEU A 110 2.98 -15.06 -9.12
N PHE A 111 2.73 -14.33 -10.21
CA PHE A 111 2.50 -12.90 -10.18
C PHE A 111 1.06 -12.74 -10.65
N THR A 112 0.15 -12.47 -9.72
CA THR A 112 -1.27 -12.42 -10.01
C THR A 112 -1.99 -11.32 -9.22
N THR A 113 -3.06 -10.83 -9.81
CA THR A 113 -3.91 -9.80 -9.24
C THR A 113 -5.29 -10.41 -9.05
N ILE A 114 -5.88 -10.16 -7.90
CA ILE A 114 -7.06 -10.89 -7.42
C ILE A 114 -8.08 -9.90 -6.89
N LYS A 115 -9.33 -10.05 -7.29
CA LYS A 115 -10.42 -9.17 -6.89
C LYS A 115 -11.60 -9.98 -6.44
N GLY A 116 -12.50 -9.34 -5.69
CA GLY A 116 -13.81 -9.88 -5.45
C GLY A 116 -14.78 -9.65 -6.61
N GLY A 117 -15.81 -10.49 -6.66
CA GLY A 117 -16.88 -10.37 -7.64
C GLY A 117 -16.66 -11.19 -8.90
N ARG A 118 -15.43 -11.67 -9.08
CA ARG A 118 -15.02 -12.32 -10.32
C ARG A 118 -13.80 -13.19 -10.08
N LEU A 119 -13.75 -14.32 -10.76
CA LEU A 119 -12.57 -15.17 -10.74
C LEU A 119 -11.63 -14.61 -11.77
N ASN A 120 -10.32 -14.73 -11.50
CA ASN A 120 -9.32 -14.29 -12.44
C ASN A 120 -8.95 -15.50 -13.32
N ASN A 121 -7.90 -15.35 -14.15
CA ASN A 121 -7.53 -16.42 -15.10
C ASN A 121 -7.13 -17.74 -14.42
N LEU A 122 -6.69 -17.67 -13.17
CA LEU A 122 -6.23 -18.86 -12.45
C LEU A 122 -7.37 -19.58 -11.67
N GLY A 123 -8.60 -19.06 -11.78
CA GLY A 123 -9.70 -19.43 -10.91
C GLY A 123 -9.76 -18.78 -9.52
N LEU A 124 -8.87 -17.81 -9.23
CA LEU A 124 -8.79 -17.15 -7.90
C LEU A 124 -9.76 -15.97 -7.77
N THR A 125 -10.23 -15.71 -6.53
CA THR A 125 -11.11 -14.54 -6.21
C THR A 125 -11.08 -14.18 -4.71
N LEU A 126 -11.64 -13.02 -4.34
CA LEU A 126 -11.76 -12.61 -2.95
C LEU A 126 -13.21 -12.55 -2.49
N ASN A 127 -13.45 -12.80 -1.20
CA ASN A 127 -14.78 -12.64 -0.60
C ASN A 127 -14.61 -12.07 0.79
N ALA A 128 -15.56 -11.25 1.23
CA ALA A 128 -15.63 -10.84 2.64
C ALA A 128 -17.03 -11.08 3.21
N LYS A 129 -17.11 -11.48 4.47
CA LYS A 129 -18.39 -11.56 5.19
C LYS A 129 -18.55 -10.32 6.06
N HIS A 130 -17.46 -9.91 6.69
CA HIS A 130 -17.38 -8.54 7.22
C HIS A 130 -16.17 -7.85 6.66
N ALA A 131 -16.20 -6.53 6.75
CA ALA A 131 -15.14 -5.64 6.30
C ALA A 131 -13.81 -6.07 6.87
N SER A 132 -13.95 -6.63 8.02
CA SER A 132 -12.86 -6.87 8.90
C SER A 132 -11.92 -7.96 8.34
N GLU A 133 -12.36 -8.69 7.35
CA GLU A 133 -11.70 -9.92 6.95
C GLU A 133 -11.85 -10.23 5.45
N ILE A 134 -10.71 -10.51 4.81
CA ILE A 134 -10.64 -10.82 3.39
C ILE A 134 -10.18 -12.27 3.12
N ASN A 135 -11.02 -13.05 2.44
CA ASN A 135 -10.75 -14.48 2.16
C ASN A 135 -10.44 -14.83 0.68
N LEU A 136 -9.30 -15.49 0.46
CA LEU A 136 -8.86 -15.91 -0.86
C LEU A 136 -9.42 -17.30 -1.12
N TYR A 137 -10.07 -17.45 -2.28
CA TYR A 137 -10.63 -18.73 -2.75
C TYR A 137 -10.06 -19.08 -4.12
N TYR A 138 -9.96 -20.37 -4.37
CA TYR A 138 -9.90 -20.87 -5.72
C TYR A 138 -11.30 -21.42 -5.98
N GLN A 139 -12.00 -20.85 -6.98
CA GLN A 139 -13.42 -21.13 -7.24
C GLN A 139 -14.29 -21.06 -5.93
N ASP A 140 -14.96 -22.15 -5.55
CA ASP A 140 -15.69 -22.20 -4.26
C ASP A 140 -14.90 -22.87 -3.09
N GLU A 141 -13.70 -23.37 -3.41
CA GLU A 141 -12.75 -23.81 -2.38
C GLU A 141 -12.01 -22.63 -1.68
N TYR A 142 -12.10 -22.57 -0.34
CA TYR A 142 -11.37 -21.58 0.48
C TYR A 142 -9.86 -21.89 0.52
N LEU A 143 -9.04 -20.84 0.60
CA LEU A 143 -7.58 -20.98 0.70
C LEU A 143 -7.02 -20.33 1.96
N SER A 144 -7.09 -18.99 2.04
CA SER A 144 -6.46 -18.21 3.12
C SER A 144 -7.24 -16.96 3.48
N THR A 145 -6.84 -16.35 4.61
CA THR A 145 -7.48 -15.16 5.19
C THR A 145 -6.47 -14.10 5.59
N TRP A 146 -6.82 -12.86 5.26
CA TRP A 146 -6.13 -11.68 5.77
C TRP A 146 -7.09 -10.88 6.62
N ASP A 147 -6.60 -10.32 7.72
CA ASP A 147 -7.37 -9.33 8.47
C ASP A 147 -7.12 -7.94 7.91
N LEU A 148 -8.19 -7.17 7.77
CA LEU A 148 -8.05 -5.77 7.42
C LEU A 148 -8.32 -4.97 8.67
N ASN A 149 -7.30 -4.25 9.15
CA ASN A 149 -7.45 -3.51 10.40
C ASN A 149 -8.07 -2.19 10.07
N LEU A 150 -9.40 -2.15 10.13
CA LEU A 150 -10.19 -0.96 9.83
C LEU A 150 -9.74 0.26 10.62
N SER A 151 -9.28 0.02 11.85
CA SER A 151 -8.85 1.08 12.73
C SER A 151 -7.63 1.77 12.22
N LYS A 152 -6.72 1.01 11.63
CA LYS A 152 -5.49 1.58 11.10
C LYS A 152 -5.73 2.41 9.88
N ILE A 153 -6.63 2.00 9.00
CA ILE A 153 -6.86 2.76 7.77
C ILE A 153 -8.02 3.76 7.84
N GLU A 154 -8.65 3.86 9.00
CA GLU A 154 -9.78 4.74 9.17
C GLU A 154 -9.45 6.19 8.91
N LYS A 155 -8.23 6.58 9.25
CA LYS A 155 -7.81 7.99 9.25
C LYS A 155 -6.44 8.07 8.59
N LEU A 156 -6.33 8.92 7.57
N LEU A 156 -6.35 8.88 7.52
CA LEU A 156 -5.14 8.99 6.74
CA LEU A 156 -5.14 9.06 6.72
C LEU A 156 -4.78 10.44 6.41
C LEU A 156 -4.78 10.50 6.50
N VAL A 157 -3.49 10.76 6.50
CA VAL A 157 -2.94 12.01 5.91
C VAL A 157 -2.12 11.55 4.71
N LEU A 158 -2.55 11.90 3.51
CA LEU A 158 -1.97 11.45 2.28
C LEU A 158 -1.34 12.63 1.54
N VAL A 159 -0.05 12.54 1.28
CA VAL A 159 0.71 13.68 0.75
C VAL A 159 1.32 13.28 -0.59
N PHE A 160 1.15 14.15 -1.57
CA PHE A 160 1.63 13.91 -2.94
C PHE A 160 2.85 14.75 -3.28
N ALA A 161 3.80 14.11 -3.92
CA ALA A 161 5.04 14.78 -4.35
C ALA A 161 5.17 14.84 -5.86
N GLU A 162 5.53 16.02 -6.34
N GLU A 162 5.53 16.01 -6.35
CA GLU A 162 6.07 16.19 -7.68
CA GLU A 162 6.05 16.12 -7.70
C GLU A 162 7.53 15.72 -7.63
C GLU A 162 7.53 15.73 -7.65
N THR A 163 8.02 15.16 -8.74
CA THR A 163 9.38 14.64 -8.78
C THR A 163 10.15 15.12 -9.98
N ILE A 164 11.47 15.14 -9.80
CA ILE A 164 12.39 15.20 -10.93
C ILE A 164 13.37 14.04 -10.84
N GLY A 165 13.91 13.64 -11.98
CA GLY A 165 14.77 12.48 -12.06
C GLY A 165 13.99 11.18 -12.17
N ARG A 166 14.68 10.08 -12.44
CA ARG A 166 13.99 8.81 -12.67
C ARG A 166 13.47 8.20 -11.38
N ALA A 167 12.28 7.61 -11.45
CA ALA A 167 11.64 7.05 -10.28
C ALA A 167 12.53 6.00 -9.61
N ASN A 168 12.65 6.11 -8.29
CA ASN A 168 13.44 5.22 -7.44
C ASN A 168 14.96 5.26 -7.66
N SER A 169 15.48 6.28 -8.34
CA SER A 169 16.91 6.45 -8.54
C SER A 169 17.50 7.20 -7.36
N PRO A 170 18.82 7.13 -7.16
CA PRO A 170 19.48 7.88 -6.07
C PRO A 170 19.39 9.41 -6.21
N GLU A 171 19.23 9.87 -7.45
CA GLU A 171 19.20 11.29 -7.77
C GLU A 171 17.77 11.86 -7.81
N GLU A 172 16.77 11.01 -7.58
CA GLU A 172 15.39 11.49 -7.56
C GLU A 172 15.20 12.59 -6.52
N GLN A 173 14.38 13.58 -6.85
CA GLN A 173 14.05 14.65 -5.93
C GLN A 173 12.52 14.82 -5.85
N PHE A 174 12.05 15.28 -4.70
CA PHE A 174 10.66 15.26 -4.31
C PHE A 174 10.21 16.61 -3.78
N HIS A 175 9.12 17.14 -4.32
CA HIS A 175 8.55 18.40 -3.84
C HIS A 175 7.13 18.10 -3.40
N PHE A 176 6.87 18.12 -2.09
CA PHE A 176 5.55 17.79 -1.58
C PHE A 176 4.66 18.98 -1.68
N THR A 177 3.70 18.94 -2.60
CA THR A 177 2.86 20.08 -2.90
C THR A 177 1.38 19.99 -2.62
N LYS A 178 0.82 18.80 -2.37
CA LYS A 178 -0.60 18.70 -2.05
C LYS A 178 -0.77 17.63 -1.00
N ALA A 179 -1.78 17.80 -0.17
CA ALA A 179 -2.08 16.81 0.84
C ALA A 179 -3.52 16.84 1.19
N TYR A 180 -4.00 15.70 1.68
CA TYR A 180 -5.40 15.50 2.05
C TYR A 180 -5.52 14.72 3.36
N MET A 181 -6.60 14.97 4.07
CA MET A 181 -7.00 14.23 5.27
C MET A 181 -8.21 13.42 4.85
N LEU A 182 -8.12 12.11 5.00
CA LEU A 182 -9.18 11.18 4.61
C LEU A 182 -9.68 10.46 5.85
N THR A 183 -10.98 10.56 6.11
CA THR A 183 -11.60 9.91 7.27
C THR A 183 -13.00 9.43 6.91
N GLU A 184 -13.64 8.77 7.86
CA GLU A 184 -15.04 8.31 7.75
C GLU A 184 -15.15 7.19 6.73
N ILE A 185 -14.66 6.03 7.14
CA ILE A 185 -14.51 4.90 6.22
C ILE A 185 -15.83 4.17 5.97
N ASN A 186 -16.11 3.88 4.69
CA ASN A 186 -17.31 3.16 4.30
C ASN A 186 -17.16 1.67 4.61
N ASP A 187 -18.30 0.98 4.63
CA ASP A 187 -18.33 -0.45 4.77
C ASP A 187 -17.58 -1.05 3.60
N ILE A 188 -16.53 -1.79 3.90
CA ILE A 188 -15.64 -2.22 2.85
C ILE A 188 -16.11 -3.52 2.19
N THR A 189 -17.08 -4.20 2.79
CA THR A 189 -17.63 -5.41 2.22
C THR A 189 -17.99 -5.26 0.73
N SER A 190 -18.72 -4.22 0.36
CA SER A 190 -19.08 -3.98 -1.03
C SER A 190 -17.87 -3.61 -1.91
N LEU A 191 -16.88 -2.94 -1.33
CA LEU A 191 -15.67 -2.58 -2.10
C LEU A 191 -14.83 -3.81 -2.44
N ILE A 192 -14.77 -4.78 -1.53
CA ILE A 192 -14.12 -6.06 -1.83
C ILE A 192 -14.94 -6.81 -2.87
N ASN A 193 -16.21 -7.04 -2.57
CA ASN A 193 -17.04 -7.89 -3.43
C ASN A 193 -17.38 -7.24 -4.79
N ASP A 194 -17.23 -5.92 -4.92
CA ASP A 194 -17.44 -5.21 -6.20
C ASP A 194 -16.13 -4.96 -6.96
N GLY A 195 -15.04 -5.55 -6.48
CA GLY A 195 -13.77 -5.49 -7.18
C GLY A 195 -13.02 -4.18 -7.13
N VAL A 196 -13.31 -3.33 -6.15
CA VAL A 196 -12.66 -2.02 -6.00
C VAL A 196 -11.28 -2.18 -5.36
N LEU A 197 -11.22 -2.93 -4.27
CA LEU A 197 -9.96 -3.27 -3.60
C LEU A 197 -9.35 -4.44 -4.30
N VAL A 198 -8.04 -4.40 -4.49
CA VAL A 198 -7.34 -5.37 -5.29
C VAL A 198 -6.14 -5.95 -4.55
N MET A 199 -6.02 -7.27 -4.54
CA MET A 199 -4.88 -7.93 -3.94
C MET A 199 -3.89 -8.35 -5.00
N ASP A 200 -2.61 -8.31 -4.64
CA ASP A 200 -1.57 -8.86 -5.49
C ASP A 200 -0.70 -9.83 -4.72
N LEU A 201 -0.36 -10.93 -5.39
CA LEU A 201 0.61 -11.89 -4.92
C LEU A 201 1.76 -11.89 -5.93
N CYS A 202 2.99 -11.93 -5.41
N CYS A 202 2.98 -11.96 -5.41
CA CYS A 202 4.18 -11.84 -6.24
CA CYS A 202 4.18 -11.81 -6.19
C CYS A 202 5.29 -12.67 -5.61
C CYS A 202 5.30 -12.67 -5.59
N ILE A 203 5.48 -13.87 -6.16
CA ILE A 203 6.45 -14.84 -5.65
C ILE A 203 7.14 -15.50 -6.83
N ASP A 204 8.45 -15.65 -6.79
CA ASP A 204 9.16 -16.50 -7.77
C ASP A 204 10.37 -17.22 -7.17
N GLN A 205 10.97 -18.11 -7.95
CA GLN A 205 12.06 -18.92 -7.45
C GLN A 205 12.91 -19.51 -8.58
N ASP A 206 14.23 -19.44 -8.41
CA ASP A 206 15.16 -20.14 -9.29
C ASP A 206 15.22 -21.60 -8.83
N LEU A 207 14.51 -22.47 -9.54
CA LEU A 207 14.37 -23.88 -9.13
C LEU A 207 15.65 -24.72 -9.27
N SER A 208 16.71 -24.14 -9.85
CA SER A 208 18.03 -24.77 -9.84
C SER A 208 18.73 -24.58 -8.49
N LYS A 209 18.67 -23.37 -7.95
CA LYS A 209 19.39 -23.03 -6.70
C LYS A 209 18.68 -23.56 -5.46
N SER A 210 19.40 -23.53 -4.34
CA SER A 210 18.87 -23.98 -3.05
C SER A 210 18.38 -22.82 -2.17
N LYS A 211 17.99 -21.72 -2.80
CA LYS A 211 17.40 -20.59 -2.10
C LYS A 211 15.90 -20.77 -2.05
N GLY A 212 15.28 -20.32 -0.96
CA GLY A 212 13.83 -20.39 -0.82
C GLY A 212 13.13 -19.48 -1.82
N PRO A 213 11.80 -19.56 -1.89
CA PRO A 213 11.03 -18.62 -2.71
C PRO A 213 11.16 -17.18 -2.22
N HIS A 214 11.16 -16.24 -3.16
CA HIS A 214 11.22 -14.82 -2.87
C HIS A 214 9.80 -14.24 -2.97
N ASP A 215 9.19 -14.03 -1.81
CA ASP A 215 7.84 -13.45 -1.68
C ASP A 215 8.01 -11.95 -1.36
N ARG A 216 7.54 -11.09 -2.26
CA ARG A 216 7.60 -9.64 -2.07
C ARG A 216 6.59 -9.17 -1.02
N GLY A 217 5.67 -10.03 -0.64
CA GLY A 217 4.70 -9.75 0.40
C GLY A 217 3.38 -9.29 -0.21
N PRO A 218 2.28 -9.97 0.08
CA PRO A 218 0.98 -9.59 -0.49
C PRO A 218 0.60 -8.13 -0.20
N HIS A 219 0.03 -7.44 -1.19
CA HIS A 219 -0.51 -6.09 -0.98
C HIS A 219 -2.01 -6.10 -1.19
N LEU A 220 -2.70 -5.22 -0.47
CA LEU A 220 -4.05 -4.82 -0.80
C LEU A 220 -3.97 -3.36 -1.16
N ARG A 221 -4.55 -3.02 -2.31
CA ARG A 221 -4.41 -1.69 -2.89
C ARG A 221 -5.76 -1.18 -3.37
N ILE A 222 -5.88 0.13 -3.49
CA ILE A 222 -7.06 0.76 -4.08
C ILE A 222 -6.57 1.85 -5.01
N PRO A 223 -7.14 1.98 -6.20
CA PRO A 223 -6.79 3.09 -7.08
C PRO A 223 -7.03 4.44 -6.40
N ILE A 224 -6.12 5.38 -6.59
CA ILE A 224 -6.29 6.73 -6.05
C ILE A 224 -7.60 7.36 -6.54
N SER A 225 -7.99 7.08 -7.79
CA SER A 225 -9.22 7.61 -8.35
C SER A 225 -10.50 7.13 -7.66
N LYS A 226 -10.37 6.08 -6.85
CA LYS A 226 -11.51 5.47 -6.18
C LYS A 226 -11.52 5.72 -4.67
N LEU A 227 -10.67 6.63 -4.19
CA LEU A 227 -10.61 6.87 -2.76
C LEU A 227 -11.92 7.38 -2.18
N ASP A 228 -12.74 8.07 -2.98
CA ASP A 228 -14.02 8.59 -2.49
C ASP A 228 -15.04 7.46 -2.27
N LYS A 229 -14.73 6.26 -2.74
CA LYS A 229 -15.58 5.10 -2.44
C LYS A 229 -15.25 4.50 -1.07
N LEU A 230 -14.02 4.73 -0.60
CA LEU A 230 -13.57 4.22 0.69
C LEU A 230 -13.74 5.24 1.82
N TYR A 231 -13.48 6.51 1.54
CA TYR A 231 -13.53 7.57 2.55
C TYR A 231 -14.64 8.58 2.24
N ARG A 232 -15.49 8.86 3.21
CA ARG A 232 -16.61 9.78 3.02
C ARG A 232 -16.23 11.23 3.23
N ASN A 233 -15.09 11.45 3.87
CA ASN A 233 -14.64 12.81 4.18
C ASN A 233 -13.20 12.98 3.70
N ILE A 234 -13.04 13.67 2.58
CA ILE A 234 -11.73 13.92 2.00
C ILE A 234 -11.54 15.43 1.95
N GLU A 235 -10.60 15.91 2.73
CA GLU A 235 -10.37 17.34 2.94
C GLU A 235 -8.99 17.69 2.44
N ARG A 236 -8.87 18.69 1.57
CA ARG A 236 -7.55 19.16 1.16
C ARG A 236 -6.92 20.01 2.25
N LEU A 237 -5.69 19.65 2.64
CA LEU A 237 -4.96 20.35 3.69
C LEU A 237 -3.90 21.29 3.13
N LEU A 238 -3.40 20.96 1.94
CA LEU A 238 -2.26 21.66 1.34
C LEU A 238 -2.47 21.66 -0.16
C ACT B . -3.85 -3.55 8.06
O ACT B . -3.00 -4.22 8.65
OXT ACT B . -4.94 -4.13 7.93
CH3 ACT B . -3.58 -2.17 7.55
C1 PEG C . -6.35 13.16 -5.71
O1 PEG C . -5.21 12.57 -6.33
C2 PEG C . -6.66 12.49 -4.38
O2 PEG C . -7.84 13.09 -3.81
C3 PEG C . -8.90 12.16 -3.53
C4 PEG C . -9.46 11.50 -4.80
O4 PEG C . -10.88 11.51 -4.74
#